data_5D2J
#
_entry.id   5D2J
#
_cell.length_a   78.774
_cell.length_b   44.547
_cell.length_c   81.253
_cell.angle_alpha   90.00
_cell.angle_beta   118.76
_cell.angle_gamma   90.00
#
_symmetry.space_group_name_H-M   'P 1 21 1'
#
loop_
_entity.id
_entity.type
_entity.pdbx_description
1 polymer '4-oxalocrotonate decarboxylase NahK'
2 non-polymer 'MAGNESIUM ION'
3 non-polymer 'hexanedioic acid'
4 non-polymer 1,2-ETHANEDIOL
5 non-polymer 'ACETATE ION'
6 water water
#
_entity_poly.entity_id   1
_entity_poly.type   'polypeptide(L)'
_entity_poly.pdbx_seq_one_letter_code
;GHMASMNRTLTREQVLALAEHIENAELNVHDIGKVTNDFPEMTFADAYDVQWEIRRRKEARGNKIVGLKMGLTSWAKMAQ
MGVETPIYGFLADYFSVPDGGVVDCSKLIHPKIEAEISVVTKAPLHGPGCHLGDVIAAIDYVIPTVEVIDSRYENFKFDP
ISVVADNASSTRFITGGRMASLEEVDLRTLGVVMEKNGEVVELGAGAAVLGHPLSSVAMLANLLAERGEHIPAGTFIMTG
GITAAVPVAPGDNITVRYQGLGSVSARFI
;
_entity_poly.pdbx_strand_id   A,B
#
loop_
_chem_comp.id
_chem_comp.type
_chem_comp.name
_chem_comp.formula
0L1 non-polymer 'hexanedioic acid' 'C6 H10 O4'
ACT non-polymer 'ACETATE ION' 'C2 H3 O2 -1'
EDO non-polymer 1,2-ETHANEDIOL 'C2 H6 O2'
MG non-polymer 'MAGNESIUM ION' 'Mg 2'
#
# COMPACT_ATOMS: atom_id res chain seq x y z
N ASN A 7 18.11 -17.33 11.15
CA ASN A 7 17.17 -17.65 10.08
C ASN A 7 16.43 -16.42 9.56
N ARG A 8 17.06 -15.25 9.70
CA ARG A 8 16.49 -13.98 9.25
C ARG A 8 17.50 -13.24 8.39
N THR A 9 17.01 -12.43 7.44
CA THR A 9 17.90 -11.67 6.56
C THR A 9 17.55 -10.17 6.50
N LEU A 10 16.36 -9.81 6.97
CA LEU A 10 15.95 -8.41 6.95
C LEU A 10 16.55 -7.66 8.12
N THR A 11 16.82 -6.37 7.93
CA THR A 11 17.14 -5.51 9.06
C THR A 11 15.82 -5.15 9.73
N ARG A 12 15.89 -4.63 10.95
CA ARG A 12 14.66 -4.20 11.63
C ARG A 12 13.96 -3.09 10.85
N GLU A 13 14.76 -2.16 10.33
CA GLU A 13 14.22 -1.07 9.53
C GLU A 13 13.42 -1.60 8.36
N GLN A 14 13.95 -2.64 7.70
CA GLN A 14 13.24 -3.25 6.58
C GLN A 14 11.94 -3.93 7.02
N VAL A 15 11.96 -4.61 8.16
CA VAL A 15 10.74 -5.24 8.65
C VAL A 15 9.65 -4.19 8.86
N LEU A 16 10.02 -3.08 9.49
CA LEU A 16 9.06 -2.01 9.77
C LEU A 16 8.53 -1.38 8.49
N ALA A 17 9.43 -1.09 7.55
CA ALA A 17 9.06 -0.41 6.31
C ALA A 17 8.27 -1.33 5.37
N LEU A 18 8.62 -2.60 5.34
CA LEU A 18 7.87 -3.55 4.52
C LEU A 18 6.45 -3.74 5.05
N ALA A 19 6.31 -3.75 6.37
CA ALA A 19 4.99 -3.91 6.95
C ALA A 19 4.10 -2.76 6.55
N GLU A 20 4.66 -1.55 6.58
CA GLU A 20 3.94 -0.35 6.15
C GLU A 20 3.54 -0.45 4.68
N HIS A 21 4.52 -0.84 3.85
CA HIS A 21 4.31 -0.98 2.42
C HIS A 21 3.20 -1.99 2.10
N ILE A 22 3.26 -3.14 2.76
CA ILE A 22 2.31 -4.20 2.45
C ILE A 22 0.93 -3.85 3.01
N GLU A 23 0.89 -3.27 4.19
CA GLU A 23 -0.39 -2.90 4.80
C GLU A 23 -1.08 -1.80 4.00
N ASN A 24 -0.29 -0.85 3.51
CA ASN A 24 -0.86 0.24 2.73
C ASN A 24 -1.59 -0.25 1.49
N ALA A 25 -1.12 -1.35 0.91
CA ALA A 25 -1.77 -1.93 -0.27
C ALA A 25 -3.17 -2.42 0.08
N GLU A 26 -3.32 -2.99 1.27
CA GLU A 26 -4.65 -3.45 1.71
C GLU A 26 -5.50 -2.23 2.05
N LEU A 27 -4.95 -1.33 2.85
CA LEU A 27 -5.71 -0.17 3.32
C LEU A 27 -6.11 0.77 2.19
N ASN A 28 -5.32 0.82 1.12
CA ASN A 28 -5.59 1.74 0.02
C ASN A 28 -5.96 1.07 -1.28
N VAL A 29 -6.25 -0.24 -1.19
CA VAL A 29 -6.88 -0.99 -2.26
C VAL A 29 -6.09 -0.93 -3.58
N HIS A 30 -4.83 -1.38 -3.54
CA HIS A 30 -4.07 -1.54 -4.76
C HIS A 30 -3.13 -2.74 -4.64
N ASP A 31 -2.77 -3.33 -5.77
CA ASP A 31 -1.83 -4.44 -5.72
C ASP A 31 -0.37 -3.94 -5.70
N ILE A 32 0.55 -4.85 -5.38
CA ILE A 32 1.98 -4.55 -5.35
C ILE A 32 2.75 -5.72 -5.94
N GLY A 33 4.01 -5.51 -6.29
CA GLY A 33 4.86 -6.60 -6.75
C GLY A 33 5.18 -7.50 -5.58
N LYS A 34 5.47 -8.78 -5.83
CA LYS A 34 5.78 -9.67 -4.71
C LYS A 34 7.09 -9.25 -4.06
N VAL A 35 7.09 -9.15 -2.74
CA VAL A 35 8.19 -8.50 -2.03
C VAL A 35 9.52 -9.25 -2.15
N THR A 36 9.45 -10.54 -2.44
CA THR A 36 10.65 -11.33 -2.63
C THR A 36 11.37 -10.99 -3.94
N ASN A 37 10.74 -10.19 -4.78
CA ASN A 37 11.44 -9.67 -5.95
C ASN A 37 12.54 -8.70 -5.52
N ASP A 38 12.26 -7.95 -4.47
CA ASP A 38 13.21 -6.97 -3.96
C ASP A 38 14.10 -7.56 -2.86
N PHE A 39 13.58 -8.58 -2.18
CA PHE A 39 14.32 -9.30 -1.15
C PHE A 39 14.29 -10.81 -1.40
N PRO A 40 15.07 -11.30 -2.39
CA PRO A 40 15.02 -12.70 -2.81
C PRO A 40 15.43 -13.65 -1.70
N GLU A 41 16.19 -13.16 -0.73
CA GLU A 41 16.71 -13.99 0.36
C GLU A 41 15.78 -14.03 1.58
N MET A 42 14.63 -13.36 1.48
CA MET A 42 13.69 -13.31 2.60
C MET A 42 13.28 -14.72 3.03
N THR A 43 13.26 -14.95 4.34
CA THR A 43 12.91 -16.26 4.89
C THR A 43 11.49 -16.26 5.46
N PHE A 44 11.01 -17.42 5.92
CA PHE A 44 9.69 -17.47 6.53
C PHE A 44 9.66 -16.69 7.83
N ALA A 45 10.77 -16.71 8.55
CA ALA A 45 10.86 -15.98 9.80
C ALA A 45 10.78 -14.48 9.53
N ASP A 46 11.45 -14.03 8.47
CA ASP A 46 11.33 -12.64 8.03
C ASP A 46 9.88 -12.30 7.73
N ALA A 47 9.21 -13.17 6.96
CA ALA A 47 7.85 -12.89 6.53
C ALA A 47 6.90 -12.85 7.72
N TYR A 48 7.11 -13.75 8.66
CA TYR A 48 6.27 -13.73 9.84
C TYR A 48 6.58 -12.50 10.71
N ASP A 49 7.85 -12.09 10.74
CA ASP A 49 8.21 -10.82 11.39
C ASP A 49 7.39 -9.68 10.80
N VAL A 50 7.32 -9.64 9.48
CA VAL A 50 6.57 -8.59 8.79
C VAL A 50 5.08 -8.70 9.13
N GLN A 51 4.53 -9.92 9.07
CA GLN A 51 3.11 -10.11 9.37
C GLN A 51 2.76 -9.66 10.80
N TRP A 52 3.59 -10.04 11.77
CA TRP A 52 3.31 -9.68 13.15
C TRP A 52 3.48 -8.18 13.37
N GLU A 53 4.30 -7.53 12.53
CA GLU A 53 4.44 -6.07 12.62
C GLU A 53 3.19 -5.35 12.08
N ILE A 54 2.62 -5.88 10.99
CA ILE A 54 1.35 -5.36 10.49
C ILE A 54 0.29 -5.53 11.57
N ARG A 55 0.29 -6.68 12.24
CA ARG A 55 -0.63 -6.88 13.36
C ARG A 55 -0.44 -5.82 14.44
N ARG A 56 0.81 -5.52 14.77
CA ARG A 56 1.12 -4.48 15.74
C ARG A 56 0.62 -3.11 15.28
N ARG A 57 0.80 -2.80 14.00
CA ARG A 57 0.30 -1.55 13.44
C ARG A 57 -1.21 -1.42 13.63
N LYS A 58 -1.94 -2.50 13.35
CA LYS A 58 -3.39 -2.47 13.52
C LYS A 58 -3.80 -2.36 15.00
N GLU A 59 -3.13 -3.11 15.88
CA GLU A 59 -3.41 -3.00 17.30
C GLU A 59 -3.11 -1.60 17.84
N ALA A 60 -2.06 -0.99 17.31
CA ALA A 60 -1.64 0.33 17.76
C ALA A 60 -2.65 1.42 17.44
N ARG A 61 -3.43 1.23 16.35
CA ARG A 61 -4.47 2.20 16.02
C ARG A 61 -5.85 1.81 16.56
N GLY A 62 -5.89 0.77 17.41
CA GLY A 62 -7.12 0.45 18.11
C GLY A 62 -7.89 -0.74 17.59
N ASN A 63 -7.41 -1.38 16.53
CA ASN A 63 -8.09 -2.58 16.02
C ASN A 63 -7.95 -3.70 17.03
N LYS A 64 -9.03 -4.46 17.23
CA LYS A 64 -8.93 -5.68 18.01
C LYS A 64 -8.59 -6.83 17.06
N ILE A 65 -7.76 -7.75 17.53
CA ILE A 65 -7.45 -8.93 16.72
C ILE A 65 -8.37 -10.04 17.21
N VAL A 66 -9.36 -10.40 16.39
CA VAL A 66 -10.44 -11.26 16.86
C VAL A 66 -10.22 -12.71 16.53
N GLY A 67 -9.14 -13.03 15.82
CA GLY A 67 -8.91 -14.42 15.49
C GLY A 67 -7.66 -14.66 14.65
N LEU A 68 -7.51 -15.92 14.23
CA LEU A 68 -6.40 -16.33 13.39
C LEU A 68 -6.99 -17.21 12.29
N LYS A 69 -6.29 -17.30 11.17
CA LYS A 69 -6.72 -18.19 10.09
C LYS A 69 -5.59 -19.10 9.66
N MET A 70 -5.96 -20.23 9.08
CA MET A 70 -4.98 -21.15 8.53
C MET A 70 -5.16 -21.22 7.02
N GLY A 71 -4.04 -21.21 6.31
CA GLY A 71 -4.06 -21.30 4.86
C GLY A 71 -3.14 -22.40 4.33
N LEU A 72 -3.33 -22.75 3.07
CA LEU A 72 -2.59 -23.86 2.45
C LEU A 72 -2.82 -25.13 3.25
N THR A 73 -4.08 -25.42 3.54
CA THR A 73 -4.43 -26.58 4.35
C THR A 73 -4.81 -27.79 3.50
N SER A 74 -4.50 -27.75 2.20
CA SER A 74 -4.70 -28.89 1.31
C SER A 74 -3.36 -29.50 0.91
N TRP A 75 -3.35 -30.83 0.74
CA TRP A 75 -2.19 -31.53 0.21
C TRP A 75 -1.77 -30.90 -1.12
N ALA A 76 -2.76 -30.59 -1.96
CA ALA A 76 -2.52 -29.95 -3.25
C ALA A 76 -1.98 -28.53 -3.08
N LYS A 77 -2.54 -27.80 -2.12
CA LYS A 77 -2.14 -26.42 -1.88
C LYS A 77 -0.69 -26.28 -1.46
N MET A 78 -0.26 -27.12 -0.50
CA MET A 78 1.12 -27.07 -0.01
C MET A 78 2.15 -27.40 -1.11
N ALA A 79 1.80 -28.34 -1.98
CA ALA A 79 2.70 -28.78 -3.03
C ALA A 79 2.82 -27.73 -4.14
N GLN A 80 1.73 -27.02 -4.40
CA GLN A 80 1.74 -25.90 -5.35
C GLN A 80 2.72 -24.84 -4.87
N MET A 81 2.75 -24.63 -3.56
CA MET A 81 3.53 -23.57 -2.95
C MET A 81 4.93 -24.06 -2.52
N GLY A 82 5.21 -25.33 -2.74
CA GLY A 82 6.50 -25.89 -2.40
C GLY A 82 6.79 -25.86 -0.91
N VAL A 83 5.73 -25.86 -0.10
CA VAL A 83 5.87 -25.88 1.35
C VAL A 83 5.41 -27.23 1.91
N GLU A 84 5.90 -27.57 3.09
CA GLU A 84 5.53 -28.83 3.71
C GLU A 84 4.50 -28.63 4.82
N THR A 85 4.27 -27.36 5.20
CA THR A 85 3.28 -27.03 6.22
C THR A 85 2.34 -25.89 5.80
N PRO A 86 1.16 -25.81 6.42
CA PRO A 86 0.27 -24.66 6.23
C PRO A 86 0.90 -23.35 6.70
N ILE A 87 0.21 -22.24 6.47
CA ILE A 87 0.62 -20.94 6.98
C ILE A 87 -0.55 -20.39 7.76
N TYR A 88 -0.29 -19.36 8.58
CA TYR A 88 -1.38 -18.71 9.28
C TYR A 88 -1.30 -17.20 9.07
N GLY A 89 -2.38 -16.53 9.43
CA GLY A 89 -2.44 -15.08 9.43
C GLY A 89 -3.41 -14.66 10.51
N PHE A 90 -3.55 -13.37 10.76
CA PHE A 90 -4.46 -12.90 11.82
C PHE A 90 -5.72 -12.30 11.22
N LEU A 91 -6.74 -12.15 12.06
CA LEU A 91 -8.01 -11.55 11.66
C LEU A 91 -8.30 -10.32 12.48
N ALA A 92 -8.39 -9.16 11.83
CA ALA A 92 -8.73 -7.92 12.52
C ALA A 92 -10.24 -7.77 12.61
N ASP A 93 -10.71 -7.02 13.61
CA ASP A 93 -12.16 -6.90 13.83
C ASP A 93 -12.96 -6.35 12.64
N TYR A 94 -12.40 -5.39 11.91
CA TYR A 94 -13.13 -4.82 10.78
C TYR A 94 -13.23 -5.77 9.59
N PHE A 95 -12.56 -6.93 9.67
CA PHE A 95 -12.68 -7.95 8.62
C PHE A 95 -14.06 -8.59 8.69
N SER A 96 -14.69 -8.50 9.86
CA SER A 96 -15.90 -9.29 10.13
CA SER A 96 -15.90 -9.28 10.15
C SER A 96 -17.15 -8.72 9.45
N VAL A 97 -17.92 -9.63 8.84
CA VAL A 97 -19.15 -9.32 8.12
C VAL A 97 -20.25 -10.23 8.66
N PRO A 98 -21.45 -9.68 8.90
CA PRO A 98 -22.52 -10.51 9.47
C PRO A 98 -23.23 -11.32 8.40
N ASP A 99 -23.85 -12.42 8.80
CA ASP A 99 -24.67 -13.24 7.92
C ASP A 99 -25.67 -12.36 7.18
N GLY A 100 -25.71 -12.49 5.86
CA GLY A 100 -26.63 -11.72 5.03
C GLY A 100 -26.15 -10.30 4.78
N GLY A 101 -24.91 -10.02 5.17
CA GLY A 101 -24.37 -8.68 5.01
C GLY A 101 -23.93 -8.34 3.61
N VAL A 102 -23.62 -7.06 3.39
CA VAL A 102 -23.21 -6.56 2.08
C VAL A 102 -21.73 -6.22 2.10
N VAL A 103 -20.97 -6.80 1.17
CA VAL A 103 -19.54 -6.55 1.08
C VAL A 103 -19.26 -5.60 -0.07
N ASP A 104 -18.49 -4.55 0.22
CA ASP A 104 -18.18 -3.53 -0.78
C ASP A 104 -16.90 -3.91 -1.51
N CYS A 105 -17.04 -4.32 -2.78
CA CYS A 105 -15.88 -4.71 -3.59
C CYS A 105 -14.96 -3.56 -3.96
N SER A 106 -15.42 -2.31 -3.79
CA SER A 106 -14.58 -1.17 -4.09
C SER A 106 -13.42 -1.08 -3.09
N LYS A 107 -13.54 -1.80 -1.98
CA LYS A 107 -12.50 -1.84 -0.96
C LYS A 107 -11.64 -3.10 -1.11
N LEU A 108 -11.88 -3.84 -2.19
CA LEU A 108 -11.15 -5.08 -2.46
C LEU A 108 -10.46 -5.00 -3.82
N ILE A 109 -9.41 -5.78 -4.00
CA ILE A 109 -8.58 -5.68 -5.21
C ILE A 109 -9.03 -6.69 -6.27
N HIS A 110 -9.09 -7.96 -5.88
CA HIS A 110 -9.53 -9.01 -6.77
C HIS A 110 -9.98 -10.20 -5.95
N PRO A 111 -11.12 -10.04 -5.24
CA PRO A 111 -11.50 -10.97 -4.18
C PRO A 111 -12.04 -12.30 -4.65
N LYS A 112 -11.87 -13.31 -3.80
CA LYS A 112 -12.46 -14.62 -4.01
C LYS A 112 -13.03 -15.08 -2.68
N ILE A 113 -13.95 -16.05 -2.72
CA ILE A 113 -14.50 -16.58 -1.48
C ILE A 113 -14.23 -18.08 -1.34
N GLU A 114 -14.09 -18.54 -0.10
CA GLU A 114 -13.85 -19.95 0.26
C GLU A 114 -14.79 -20.24 1.41
N ALA A 115 -15.43 -21.41 1.40
CA ALA A 115 -16.21 -21.83 2.57
C ALA A 115 -15.30 -22.56 3.57
N GLU A 116 -15.46 -22.27 4.85
CA GLU A 116 -14.62 -22.87 5.88
C GLU A 116 -15.48 -23.17 7.11
N ILE A 117 -14.89 -23.85 8.09
CA ILE A 117 -15.53 -24.00 9.39
C ILE A 117 -14.57 -23.44 10.42
N SER A 118 -15.11 -22.62 11.34
CA SER A 118 -14.28 -21.99 12.34
C SER A 118 -14.60 -22.61 13.70
N VAL A 119 -13.70 -22.41 14.65
CA VAL A 119 -13.96 -22.81 16.03
C VAL A 119 -13.63 -21.63 16.94
N VAL A 120 -14.25 -21.62 18.11
CA VAL A 120 -13.86 -20.68 19.15
C VAL A 120 -13.38 -21.55 20.30
N THR A 121 -12.21 -21.24 20.85
CA THR A 121 -11.65 -22.06 21.92
C THR A 121 -12.11 -21.60 23.30
N LYS A 122 -12.06 -22.51 24.28
CA LYS A 122 -12.39 -22.17 25.66
C LYS A 122 -11.28 -22.54 26.65
N ALA A 123 -10.13 -22.98 26.13
CA ALA A 123 -8.94 -23.26 26.95
C ALA A 123 -7.72 -22.95 26.10
N PRO A 124 -6.62 -22.51 26.74
CA PRO A 124 -5.42 -22.21 25.94
C PRO A 124 -4.84 -23.46 25.29
N LEU A 125 -4.21 -23.29 24.12
CA LEU A 125 -3.55 -24.39 23.44
C LEU A 125 -2.11 -24.03 23.12
N HIS A 126 -1.19 -24.89 23.53
CA HIS A 126 0.23 -24.64 23.34
C HIS A 126 0.90 -25.74 22.53
N GLY A 127 1.84 -25.34 21.69
CA GLY A 127 2.81 -26.25 21.13
C GLY A 127 4.11 -26.08 21.91
N PRO A 128 5.17 -26.82 21.49
CA PRO A 128 5.17 -27.78 20.40
C PRO A 128 4.52 -29.10 20.79
N GLY A 129 4.30 -29.96 19.82
CA GLY A 129 3.78 -31.29 20.08
C GLY A 129 2.30 -31.34 20.39
N CYS A 130 1.57 -30.32 19.97
CA CYS A 130 0.12 -30.31 20.14
C CYS A 130 -0.47 -31.31 19.16
N HIS A 131 -1.32 -32.21 19.67
CA HIS A 131 -1.95 -33.23 18.85
C HIS A 131 -3.47 -33.07 18.85
N LEU A 132 -4.13 -33.77 17.92
CA LEU A 132 -5.57 -33.80 17.83
C LEU A 132 -6.25 -33.98 19.20
N GLY A 133 -5.78 -34.96 19.97
CA GLY A 133 -6.32 -35.22 21.30
C GLY A 133 -6.23 -34.05 22.28
N ASP A 134 -5.29 -33.14 22.05
CA ASP A 134 -5.09 -31.99 22.94
C ASP A 134 -6.10 -30.88 22.65
N VAL A 135 -6.62 -30.89 21.43
CA VAL A 135 -7.44 -29.80 20.93
C VAL A 135 -8.92 -29.97 21.33
N ILE A 136 -9.38 -31.22 21.39
CA ILE A 136 -10.81 -31.49 21.44
C ILE A 136 -11.55 -30.76 22.55
N ALA A 137 -11.08 -30.92 23.79
CA ALA A 137 -11.76 -30.33 24.94
C ALA A 137 -11.65 -28.81 24.99
N ALA A 138 -10.67 -28.26 24.26
CA ALA A 138 -10.50 -26.81 24.21
C ALA A 138 -11.46 -26.12 23.24
N ILE A 139 -12.24 -26.89 22.47
CA ILE A 139 -13.18 -26.30 21.52
C ILE A 139 -14.54 -26.02 22.18
N ASP A 140 -14.96 -24.75 22.14
CA ASP A 140 -16.21 -24.31 22.74
C ASP A 140 -17.35 -24.58 21.77
N TYR A 141 -17.24 -24.02 20.58
CA TYR A 141 -18.25 -24.22 19.57
C TYR A 141 -17.70 -23.98 18.17
N VAL A 142 -18.49 -24.31 17.15
CA VAL A 142 -18.05 -24.15 15.78
C VAL A 142 -18.88 -23.08 15.08
N ILE A 143 -18.31 -22.47 14.06
CA ILE A 143 -18.96 -21.37 13.35
CA ILE A 143 -18.97 -21.38 13.35
C ILE A 143 -18.80 -21.49 11.84
N PRO A 144 -19.90 -21.74 11.11
CA PRO A 144 -19.82 -21.69 9.64
C PRO A 144 -19.31 -20.33 9.19
N THR A 145 -18.27 -20.32 8.35
CA THR A 145 -17.58 -19.08 8.00
C THR A 145 -17.19 -19.08 6.54
N VAL A 146 -17.44 -17.98 5.85
CA VAL A 146 -16.97 -17.84 4.48
C VAL A 146 -15.87 -16.80 4.50
N GLU A 147 -14.68 -17.16 3.99
CA GLU A 147 -13.59 -16.19 3.93
C GLU A 147 -13.63 -15.46 2.61
N VAL A 148 -13.32 -14.16 2.65
CA VAL A 148 -13.04 -13.44 1.43
C VAL A 148 -11.54 -13.26 1.44
N ILE A 149 -10.84 -13.88 0.49
CA ILE A 149 -9.39 -13.71 0.37
C ILE A 149 -9.07 -12.74 -0.76
N ASP A 150 -7.98 -11.99 -0.61
CA ASP A 150 -7.71 -10.93 -1.57
C ASP A 150 -6.25 -10.56 -1.49
N SER A 151 -5.41 -11.35 -2.15
CA SER A 151 -3.97 -11.12 -2.10
C SER A 151 -3.65 -9.72 -2.59
N ARG A 152 -2.75 -9.03 -1.89
CA ARG A 152 -2.32 -7.72 -2.36
C ARG A 152 -1.29 -7.80 -3.49
N TYR A 153 -0.96 -9.00 -3.94
CA TYR A 153 -0.02 -9.15 -5.04
C TYR A 153 -0.75 -9.25 -6.37
N GLU A 154 -0.24 -8.56 -7.40
CA GLU A 154 -0.93 -8.50 -8.67
C GLU A 154 -1.10 -9.86 -9.32
N ASN A 155 -2.26 -10.07 -9.93
CA ASN A 155 -2.57 -11.26 -10.72
C ASN A 155 -2.22 -12.55 -10.00
N PHE A 156 -2.21 -12.47 -8.67
CA PHE A 156 -1.85 -13.60 -7.82
C PHE A 156 -0.46 -14.12 -8.16
N LYS A 157 0.38 -13.24 -8.70
CA LYS A 157 1.78 -13.54 -8.97
C LYS A 157 2.59 -13.45 -7.68
N PHE A 158 2.64 -14.54 -6.93
CA PHE A 158 3.33 -14.52 -5.63
C PHE A 158 4.12 -15.80 -5.30
N ASP A 159 4.57 -15.90 -4.04
CA ASP A 159 5.18 -17.12 -3.50
C ASP A 159 4.77 -17.21 -2.02
N PRO A 160 4.99 -18.36 -1.35
CA PRO A 160 4.42 -18.47 0.01
C PRO A 160 5.03 -17.49 1.01
N ILE A 161 6.31 -17.16 0.86
CA ILE A 161 6.95 -16.19 1.74
C ILE A 161 6.29 -14.80 1.61
N SER A 162 6.10 -14.34 0.37
CA SER A 162 5.39 -13.09 0.14
C SER A 162 3.98 -13.15 0.70
N VAL A 163 3.32 -14.29 0.54
CA VAL A 163 1.95 -14.45 1.01
C VAL A 163 1.86 -14.36 2.54
N VAL A 164 2.82 -14.98 3.23
CA VAL A 164 2.87 -14.86 4.70
C VAL A 164 3.01 -13.40 5.12
N ALA A 165 3.89 -12.68 4.43
CA ALA A 165 4.13 -11.28 4.74
C ALA A 165 2.88 -10.43 4.52
N ASP A 166 2.02 -10.87 3.60
CA ASP A 166 0.76 -10.21 3.27
C ASP A 166 -0.40 -10.82 4.08
N ASN A 167 -0.08 -11.35 5.25
CA ASN A 167 -1.09 -11.86 6.19
C ASN A 167 -1.99 -12.92 5.56
N ALA A 168 -1.39 -13.76 4.72
CA ALA A 168 -2.09 -14.86 4.07
C ALA A 168 -3.34 -14.40 3.33
N SER A 169 -3.28 -13.22 2.71
CA SER A 169 -4.37 -12.71 1.84
C SER A 169 -5.68 -12.41 2.58
N SER A 170 -5.64 -12.33 3.91
CA SER A 170 -6.84 -12.05 4.68
C SER A 170 -7.44 -10.67 4.42
N THR A 171 -8.77 -10.60 4.40
CA THR A 171 -9.40 -9.29 4.19
C THR A 171 -10.82 -9.21 4.77
N ARG A 172 -11.64 -10.25 4.56
CA ARG A 172 -12.97 -10.27 5.17
C ARG A 172 -13.32 -11.68 5.57
N PHE A 173 -14.24 -11.83 6.50
CA PHE A 173 -14.86 -13.13 6.74
C PHE A 173 -16.30 -12.94 7.17
N ILE A 174 -17.14 -13.87 6.78
CA ILE A 174 -18.58 -13.80 7.03
C ILE A 174 -19.00 -15.01 7.83
N THR A 175 -19.57 -14.77 9.01
CA THR A 175 -20.05 -15.86 9.85
C THR A 175 -21.57 -15.97 9.78
N GLY A 176 -22.11 -17.16 10.04
CA GLY A 176 -23.54 -17.36 9.97
C GLY A 176 -23.92 -18.79 10.31
N GLY A 177 -25.14 -19.19 9.94
CA GLY A 177 -25.61 -20.53 10.25
C GLY A 177 -25.75 -20.76 11.74
N ARG A 178 -25.72 -22.04 12.14
CA ARG A 178 -25.92 -22.40 13.55
C ARG A 178 -24.59 -22.65 14.23
N MET A 179 -24.33 -21.95 15.34
CA MET A 179 -23.02 -22.00 16.00
C MET A 179 -23.05 -22.95 17.19
N ALA A 180 -22.76 -24.22 16.91
CA ALA A 180 -23.09 -25.31 17.81
C ALA A 180 -21.86 -25.89 18.53
N SER A 181 -22.10 -26.54 19.67
CA SER A 181 -21.05 -27.25 20.41
CA SER A 181 -21.01 -27.20 20.40
C SER A 181 -20.38 -28.26 19.50
N LEU A 182 -19.10 -28.52 19.73
CA LEU A 182 -18.35 -29.46 18.91
C LEU A 182 -18.94 -30.85 18.94
N GLU A 183 -19.46 -31.26 20.10
CA GLU A 183 -19.96 -32.62 20.19
C GLU A 183 -21.23 -32.85 19.37
N GLU A 184 -21.85 -31.77 18.89
CA GLU A 184 -23.02 -31.87 18.03
C GLU A 184 -22.65 -31.98 16.55
N VAL A 185 -21.37 -31.77 16.23
CA VAL A 185 -20.95 -31.62 14.85
C VAL A 185 -19.74 -32.49 14.54
N ASP A 186 -19.85 -33.31 13.50
CA ASP A 186 -18.69 -34.05 13.00
C ASP A 186 -17.97 -33.18 11.98
N LEU A 187 -16.86 -32.58 12.37
CA LEU A 187 -16.13 -31.67 11.48
C LEU A 187 -15.46 -32.39 10.31
N ARG A 188 -15.24 -33.69 10.46
CA ARG A 188 -14.59 -34.47 9.40
C ARG A 188 -15.54 -34.71 8.23
N THR A 189 -16.80 -34.98 8.56
CA THR A 189 -17.80 -35.37 7.55
C THR A 189 -18.74 -34.22 7.19
N LEU A 190 -18.53 -33.06 7.81
CA LEU A 190 -19.35 -31.89 7.55
C LEU A 190 -19.39 -31.56 6.06
N GLY A 191 -20.57 -31.64 5.45
CA GLY A 191 -20.69 -31.29 4.04
C GLY A 191 -20.98 -29.81 3.86
N VAL A 192 -20.35 -29.20 2.86
CA VAL A 192 -20.52 -27.78 2.60
C VAL A 192 -20.79 -27.50 1.12
N VAL A 193 -21.88 -26.77 0.84
CA VAL A 193 -22.24 -26.49 -0.55
C VAL A 193 -22.31 -24.99 -0.81
N MET A 194 -21.46 -24.50 -1.70
CA MET A 194 -21.46 -23.08 -2.03
C MET A 194 -22.31 -22.79 -3.27
N GLU A 195 -23.28 -21.91 -3.12
CA GLU A 195 -24.10 -21.47 -4.24
C GLU A 195 -23.75 -20.03 -4.55
N LYS A 196 -23.65 -19.71 -5.84
CA LYS A 196 -23.38 -18.34 -6.28
C LYS A 196 -24.39 -17.98 -7.35
N ASN A 197 -25.05 -16.83 -7.18
CA ASN A 197 -26.06 -16.37 -8.13
C ASN A 197 -27.11 -17.43 -8.44
N GLY A 198 -27.48 -18.19 -7.41
CA GLY A 198 -28.59 -19.11 -7.47
C GLY A 198 -28.26 -20.54 -7.84
N GLU A 199 -27.00 -20.82 -8.14
CA GLU A 199 -26.63 -22.17 -8.57
C GLU A 199 -25.43 -22.70 -7.81
N VAL A 200 -25.33 -24.03 -7.70
CA VAL A 200 -24.19 -24.65 -7.02
C VAL A 200 -22.91 -24.41 -7.83
N VAL A 201 -21.84 -23.98 -7.18
CA VAL A 201 -20.58 -23.76 -7.90
C VAL A 201 -19.42 -24.57 -7.31
N GLU A 202 -19.46 -24.84 -6.01
CA GLU A 202 -18.42 -25.64 -5.36
C GLU A 202 -19.00 -26.38 -4.16
N LEU A 203 -18.41 -27.53 -3.85
CA LEU A 203 -18.75 -28.20 -2.60
C LEU A 203 -17.53 -28.89 -2.01
N GLY A 204 -17.67 -29.38 -0.78
CA GLY A 204 -16.59 -30.12 -0.15
C GLY A 204 -16.96 -30.62 1.22
N ALA A 205 -16.04 -31.35 1.85
CA ALA A 205 -16.22 -31.82 3.21
C ALA A 205 -15.08 -31.33 4.10
N GLY A 206 -15.32 -31.31 5.41
CA GLY A 206 -14.33 -30.78 6.35
C GLY A 206 -13.01 -31.52 6.30
N ALA A 207 -13.06 -32.80 5.93
CA ALA A 207 -11.83 -33.60 5.81
C ALA A 207 -10.81 -32.98 4.84
N ALA A 208 -11.26 -32.12 3.94
CA ALA A 208 -10.35 -31.44 3.01
C ALA A 208 -9.32 -30.58 3.75
N VAL A 209 -9.62 -30.25 5.00
CA VAL A 209 -8.72 -29.46 5.82
C VAL A 209 -7.80 -30.40 6.61
N LEU A 210 -6.63 -30.71 6.03
CA LEU A 210 -5.63 -31.57 6.67
C LEU A 210 -6.16 -32.93 7.15
N GLY A 211 -7.26 -33.39 6.58
CA GLY A 211 -7.85 -34.64 7.04
C GLY A 211 -8.87 -34.44 8.15
N HIS A 212 -8.79 -33.31 8.84
CA HIS A 212 -9.70 -32.98 9.94
C HIS A 212 -9.46 -31.54 10.35
N PRO A 213 -10.52 -30.71 10.38
CA PRO A 213 -10.32 -29.30 10.72
C PRO A 213 -9.64 -29.12 12.09
N LEU A 214 -9.83 -30.05 13.02
CA LEU A 214 -9.18 -29.92 14.33
C LEU A 214 -7.67 -30.14 14.23
N SER A 215 -7.23 -30.84 13.19
CA SER A 215 -5.80 -31.03 12.97
C SER A 215 -5.16 -29.71 12.56
N SER A 216 -5.95 -28.85 11.93
CA SER A 216 -5.48 -27.53 11.56
C SER A 216 -5.25 -26.68 12.81
N VAL A 217 -6.09 -26.88 13.82
CA VAL A 217 -5.95 -26.16 15.08
C VAL A 217 -4.68 -26.61 15.79
N ALA A 218 -4.45 -27.91 15.83
CA ALA A 218 -3.22 -28.46 16.40
C ALA A 218 -2.00 -27.94 15.65
N MET A 219 -2.09 -27.88 14.33
CA MET A 219 -0.97 -27.38 13.52
C MET A 219 -0.70 -25.91 13.82
N LEU A 220 -1.75 -25.13 13.99
CA LEU A 220 -1.62 -23.72 14.33
C LEU A 220 -0.90 -23.53 15.65
N ALA A 221 -1.28 -24.32 16.65
CA ALA A 221 -0.60 -24.22 17.95
C ALA A 221 0.89 -24.50 17.77
N ASN A 222 1.21 -25.51 16.98
CA ASN A 222 2.62 -25.84 16.74
C ASN A 222 3.38 -24.76 15.98
N LEU A 223 2.75 -24.15 14.99
CA LEU A 223 3.38 -23.08 14.24
C LEU A 223 3.64 -21.87 15.14
N LEU A 224 2.66 -21.52 15.96
CA LEU A 224 2.80 -20.37 16.85
C LEU A 224 3.93 -20.60 17.84
N ALA A 225 4.10 -21.84 18.28
CA ALA A 225 5.11 -22.17 19.27
C ALA A 225 6.53 -21.85 18.79
N GLU A 226 6.71 -21.83 17.48
CA GLU A 226 8.01 -21.53 16.89
C GLU A 226 8.46 -20.12 17.24
N ARG A 227 7.49 -19.25 17.56
CA ARG A 227 7.76 -17.87 17.90
C ARG A 227 7.48 -17.60 19.38
N GLY A 228 7.26 -18.67 20.14
CA GLY A 228 6.96 -18.55 21.55
C GLY A 228 5.54 -18.06 21.81
N GLU A 229 4.67 -18.18 20.81
CA GLU A 229 3.29 -17.77 20.94
C GLU A 229 2.39 -18.99 21.14
N HIS A 230 1.13 -18.76 21.48
CA HIS A 230 0.17 -19.84 21.61
C HIS A 230 -1.23 -19.35 21.28
N ILE A 231 -2.22 -20.23 21.46
CA ILE A 231 -3.61 -19.86 21.21
C ILE A 231 -4.30 -19.65 22.53
N PRO A 232 -4.60 -18.40 22.89
CA PRO A 232 -5.28 -18.13 24.16
C PRO A 232 -6.71 -18.64 24.12
N ALA A 233 -7.27 -18.93 25.30
CA ALA A 233 -8.67 -19.27 25.39
C ALA A 233 -9.50 -18.15 24.80
N GLY A 234 -10.56 -18.49 24.07
CA GLY A 234 -11.44 -17.47 23.50
C GLY A 234 -11.08 -17.05 22.09
N THR A 235 -10.17 -17.77 21.44
CA THR A 235 -9.72 -17.38 20.11
C THR A 235 -10.60 -17.97 19.02
N PHE A 236 -10.99 -17.13 18.07
CA PHE A 236 -11.73 -17.57 16.87
C PHE A 236 -10.69 -18.04 15.86
N ILE A 237 -10.86 -19.25 15.33
CA ILE A 237 -9.90 -19.79 14.38
C ILE A 237 -10.59 -20.28 13.11
N MET A 238 -10.23 -19.70 11.97
CA MET A 238 -10.76 -20.16 10.68
CA MET A 238 -10.76 -20.15 10.68
C MET A 238 -9.83 -21.25 10.17
N THR A 239 -10.33 -22.48 10.10
CA THR A 239 -9.43 -23.62 9.97
C THR A 239 -8.90 -23.96 8.59
N GLY A 240 -9.51 -23.39 7.54
CA GLY A 240 -9.01 -23.61 6.19
C GLY A 240 -10.10 -23.81 5.13
N GLY A 241 -9.72 -23.65 3.87
CA GLY A 241 -10.69 -23.78 2.78
C GLY A 241 -11.23 -25.19 2.60
N ILE A 242 -12.54 -25.34 2.71
CA ILE A 242 -13.22 -26.60 2.43
C ILE A 242 -13.58 -26.68 0.94
N THR A 243 -13.97 -25.53 0.37
CA THR A 243 -14.25 -25.45 -1.06
C THR A 243 -13.12 -24.70 -1.77
N ALA A 244 -13.05 -24.87 -3.08
CA ALA A 244 -12.10 -24.12 -3.89
C ALA A 244 -12.52 -22.65 -3.84
N ALA A 245 -11.58 -21.74 -4.05
CA ALA A 245 -11.89 -20.31 -4.01
C ALA A 245 -12.59 -19.85 -5.31
N VAL A 246 -13.57 -18.97 -5.17
CA VAL A 246 -14.42 -18.55 -6.29
C VAL A 246 -14.41 -17.03 -6.39
N PRO A 247 -14.16 -16.48 -7.59
CA PRO A 247 -14.18 -15.01 -7.71
C PRO A 247 -15.55 -14.42 -7.39
N VAL A 248 -15.57 -13.24 -6.78
CA VAL A 248 -16.80 -12.51 -6.55
C VAL A 248 -16.68 -11.07 -7.05
N ALA A 249 -17.80 -10.50 -7.46
CA ALA A 249 -17.81 -9.18 -8.09
C ALA A 249 -19.11 -8.47 -7.72
N PRO A 250 -19.17 -7.14 -7.90
CA PRO A 250 -20.40 -6.40 -7.58
C PRO A 250 -21.64 -7.01 -8.22
N GLY A 251 -22.69 -7.20 -7.42
CA GLY A 251 -23.93 -7.80 -7.92
C GLY A 251 -24.09 -9.26 -7.54
N ASP A 252 -23.01 -9.91 -7.14
CA ASP A 252 -23.08 -11.33 -6.78
C ASP A 252 -23.77 -11.58 -5.44
N ASN A 253 -24.56 -12.65 -5.40
CA ASN A 253 -25.16 -13.18 -4.17
C ASN A 253 -24.59 -14.55 -3.92
N ILE A 254 -24.19 -14.83 -2.69
CA ILE A 254 -23.73 -16.16 -2.35
C ILE A 254 -24.50 -16.71 -1.17
N THR A 255 -24.76 -18.00 -1.19
CA THR A 255 -25.34 -18.71 -0.07
C THR A 255 -24.54 -19.99 0.10
N VAL A 256 -24.00 -20.21 1.28
CA VAL A 256 -23.26 -21.45 1.53
C VAL A 256 -24.00 -22.29 2.57
N ARG A 257 -24.36 -23.51 2.17
CA ARG A 257 -25.14 -24.39 3.04
C ARG A 257 -24.23 -25.37 3.75
N TYR A 258 -24.38 -25.42 5.07
CA TYR A 258 -23.58 -26.29 5.92
C TYR A 258 -24.48 -27.39 6.45
N GLN A 259 -24.12 -28.63 6.17
CA GLN A 259 -24.89 -29.80 6.58
C GLN A 259 -25.27 -29.73 8.05
N GLY A 260 -26.57 -29.62 8.33
CA GLY A 260 -27.08 -29.59 9.69
C GLY A 260 -26.84 -28.30 10.46
N LEU A 261 -26.25 -27.30 9.79
CA LEU A 261 -25.90 -26.05 10.47
C LEU A 261 -26.39 -24.80 9.75
N GLY A 262 -27.43 -24.94 8.93
CA GLY A 262 -27.99 -23.80 8.24
C GLY A 262 -27.11 -23.28 7.11
N SER A 263 -27.16 -21.98 6.88
CA SER A 263 -26.45 -21.38 5.76
C SER A 263 -25.84 -20.04 6.10
N VAL A 264 -24.83 -19.65 5.33
CA VAL A 264 -24.22 -18.34 5.44
C VAL A 264 -24.41 -17.62 4.11
N SER A 265 -24.91 -16.39 4.16
CA SER A 265 -25.16 -15.63 2.94
C SER A 265 -24.49 -14.26 2.93
N ALA A 266 -24.24 -13.74 1.74
CA ALA A 266 -23.70 -12.40 1.58
C ALA A 266 -24.02 -11.87 0.20
N ARG A 267 -24.04 -10.54 0.09
CA ARG A 267 -24.27 -9.86 -1.18
C ARG A 267 -23.08 -8.95 -1.42
N PHE A 268 -22.68 -8.80 -2.67
CA PHE A 268 -21.55 -7.93 -3.01
C PHE A 268 -22.00 -6.75 -3.83
N ILE A 269 -21.39 -5.60 -3.58
CA ILE A 269 -21.61 -4.41 -4.40
C ILE A 269 -20.27 -3.80 -4.81
N ASN B 7 29.84 10.51 -18.23
CA ASN B 7 29.07 9.77 -17.23
C ASN B 7 27.63 9.49 -17.66
N ARG B 8 27.50 8.97 -18.86
CA ARG B 8 26.26 8.38 -19.34
C ARG B 8 26.57 6.96 -19.78
N THR B 9 25.67 6.03 -19.49
CA THR B 9 25.89 4.64 -19.90
C THR B 9 24.85 4.15 -20.91
N LEU B 10 23.78 4.92 -21.07
CA LEU B 10 22.74 4.59 -22.04
C LEU B 10 23.11 5.07 -23.44
N THR B 11 22.73 4.30 -24.46
CA THR B 11 22.76 4.80 -25.82
C THR B 11 21.53 5.69 -26.02
N ARG B 12 21.58 6.55 -27.04
CA ARG B 12 20.45 7.45 -27.29
C ARG B 12 19.17 6.64 -27.58
N GLU B 13 19.32 5.55 -28.33
CA GLU B 13 18.19 4.65 -28.61
C GLU B 13 17.54 4.15 -27.32
N GLN B 14 18.36 3.79 -26.34
CA GLN B 14 17.86 3.32 -25.05
C GLN B 14 17.15 4.42 -24.27
N VAL B 15 17.68 5.65 -24.31
CA VAL B 15 17.01 6.77 -23.67
C VAL B 15 15.62 6.96 -24.27
N LEU B 16 15.53 6.93 -25.59
CA LEU B 16 14.25 7.12 -26.25
C LEU B 16 13.28 6.01 -25.88
N ALA B 17 13.76 4.77 -25.89
CA ALA B 17 12.90 3.62 -25.61
C ALA B 17 12.45 3.57 -24.16
N LEU B 18 13.34 3.95 -23.24
CA LEU B 18 12.99 3.97 -21.82
C LEU B 18 11.96 5.04 -21.53
N ALA B 19 12.09 6.20 -22.18
CA ALA B 19 11.13 7.27 -21.96
C ALA B 19 9.75 6.85 -22.43
N GLU B 20 9.68 6.19 -23.58
CA GLU B 20 8.41 5.64 -24.08
C GLU B 20 7.82 4.64 -23.09
N HIS B 21 8.66 3.72 -22.61
CA HIS B 21 8.25 2.66 -21.68
C HIS B 21 7.73 3.24 -20.36
N ILE B 22 8.50 4.17 -19.79
CA ILE B 22 8.13 4.79 -18.52
C ILE B 22 6.90 5.70 -18.68
N GLU B 23 6.86 6.51 -19.74
CA GLU B 23 5.68 7.35 -19.94
C GLU B 23 4.41 6.52 -20.13
N ASN B 24 4.50 5.44 -20.89
CA ASN B 24 3.33 4.61 -21.13
C ASN B 24 2.79 4.00 -19.85
N ALA B 25 3.68 3.74 -18.88
CA ALA B 25 3.22 3.25 -17.58
C ALA B 25 2.28 4.27 -16.93
N GLU B 26 2.66 5.55 -16.98
CA GLU B 26 1.81 6.62 -16.49
C GLU B 26 0.51 6.75 -17.28
N LEU B 27 0.62 6.82 -18.61
CA LEU B 27 -0.56 7.05 -19.44
C LEU B 27 -1.53 5.86 -19.43
N ASN B 28 -0.99 4.65 -19.27
CA ASN B 28 -1.84 3.46 -19.25
C ASN B 28 -2.18 2.95 -17.87
N VAL B 29 -1.72 3.68 -16.85
CA VAL B 29 -1.99 3.33 -15.45
C VAL B 29 -1.58 1.90 -15.11
N HIS B 30 -0.34 1.55 -15.45
CA HIS B 30 0.21 0.27 -15.00
C HIS B 30 1.60 0.48 -14.40
N ASP B 31 1.97 -0.35 -13.43
CA ASP B 31 3.29 -0.19 -12.84
C ASP B 31 4.28 -1.17 -13.47
N ILE B 32 5.55 -0.84 -13.36
CA ILE B 32 6.61 -1.59 -14.01
C ILE B 32 7.76 -1.80 -13.01
N GLY B 33 8.71 -2.65 -13.36
CA GLY B 33 9.90 -2.81 -12.54
C GLY B 33 10.81 -1.59 -12.65
N LYS B 34 11.57 -1.33 -11.60
CA LYS B 34 12.57 -0.25 -11.62
C LYS B 34 13.47 -0.47 -12.83
N VAL B 35 13.69 0.59 -13.59
CA VAL B 35 14.45 0.46 -14.83
C VAL B 35 15.93 0.18 -14.55
N THR B 36 16.38 0.49 -13.34
CA THR B 36 17.74 0.14 -12.93
C THR B 36 17.90 -1.35 -12.65
N ASN B 37 16.80 -2.10 -12.64
CA ASN B 37 16.91 -3.56 -12.60
C ASN B 37 17.50 -4.04 -13.92
N ASP B 38 17.09 -3.40 -15.01
CA ASP B 38 17.53 -3.77 -16.35
C ASP B 38 18.73 -2.97 -16.83
N PHE B 39 18.89 -1.76 -16.30
CA PHE B 39 20.06 -0.94 -16.59
C PHE B 39 20.73 -0.51 -15.29
N PRO B 40 21.39 -1.46 -14.60
CA PRO B 40 21.96 -1.17 -13.28
C PRO B 40 23.05 -0.09 -13.26
N GLU B 41 23.67 0.18 -14.41
CA GLU B 41 24.75 1.16 -14.44
C GLU B 41 24.27 2.54 -14.87
N MET B 42 22.95 2.70 -14.99
CA MET B 42 22.34 4.00 -15.27
C MET B 42 22.82 5.05 -14.28
N THR B 43 23.17 6.23 -14.81
CA THR B 43 23.60 7.34 -13.97
C THR B 43 22.48 8.36 -13.82
N PHE B 44 22.71 9.38 -13.01
CA PHE B 44 21.74 10.46 -12.89
C PHE B 44 21.59 11.22 -14.21
N ALA B 45 22.70 11.40 -14.93
CA ALA B 45 22.65 12.06 -16.24
C ALA B 45 21.79 11.25 -17.21
N ASP B 46 21.94 9.93 -17.19
CA ASP B 46 21.06 9.05 -17.97
C ASP B 46 19.60 9.25 -17.58
N ALA B 47 19.32 9.28 -16.28
CA ALA B 47 17.96 9.39 -15.78
C ALA B 47 17.33 10.74 -16.14
N TYR B 48 18.10 11.81 -16.02
CA TYR B 48 17.58 13.11 -16.44
C TYR B 48 17.39 13.20 -17.95
N ASP B 49 18.25 12.53 -18.73
CA ASP B 49 18.02 12.40 -20.16
C ASP B 49 16.67 11.75 -20.42
N VAL B 50 16.37 10.68 -19.68
CA VAL B 50 15.09 10.03 -19.83
C VAL B 50 13.95 10.96 -19.44
N GLN B 51 14.10 11.66 -18.32
CA GLN B 51 13.02 12.52 -17.84
C GLN B 51 12.74 13.65 -18.83
N TRP B 52 13.79 14.26 -19.35
CA TRP B 52 13.62 15.37 -20.29
C TRP B 52 13.08 14.88 -21.62
N GLU B 53 13.34 13.62 -21.96
CA GLU B 53 12.73 13.04 -23.15
C GLU B 53 11.23 12.82 -22.95
N ILE B 54 10.84 12.41 -21.75
CA ILE B 54 9.41 12.31 -21.45
C ILE B 54 8.77 13.71 -21.56
N ARG B 55 9.47 14.73 -21.07
CA ARG B 55 8.98 16.09 -21.22
C ARG B 55 8.80 16.43 -22.69
N ARG B 56 9.78 16.04 -23.51
CA ARG B 56 9.72 16.34 -24.93
C ARG B 56 8.53 15.66 -25.56
N ARG B 57 8.28 14.41 -25.17
CA ARG B 57 7.14 13.66 -25.70
C ARG B 57 5.83 14.36 -25.38
N LYS B 58 5.72 14.88 -24.16
CA LYS B 58 4.50 15.58 -23.75
C LYS B 58 4.33 16.92 -24.49
N GLU B 59 5.40 17.69 -24.61
CA GLU B 59 5.31 18.96 -25.33
C GLU B 59 4.94 18.75 -26.80
N ALA B 60 5.48 17.69 -27.39
CA ALA B 60 5.25 17.41 -28.81
C ALA B 60 3.78 17.06 -29.09
N ARG B 61 3.07 16.50 -28.12
CA ARG B 61 1.64 16.23 -28.33
C ARG B 61 0.75 17.38 -27.83
N GLY B 62 1.38 18.48 -27.43
CA GLY B 62 0.65 19.70 -27.12
C GLY B 62 0.47 20.04 -25.66
N ASN B 63 1.01 19.21 -24.76
CA ASN B 63 0.91 19.55 -23.34
C ASN B 63 1.84 20.72 -23.02
N LYS B 64 1.35 21.66 -22.20
CA LYS B 64 2.21 22.72 -21.71
C LYS B 64 2.88 22.25 -20.42
N ILE B 65 4.14 22.63 -20.23
CA ILE B 65 4.83 22.34 -18.97
C ILE B 65 4.68 23.56 -18.08
N VAL B 66 4.08 23.38 -16.91
CA VAL B 66 3.61 24.52 -16.13
C VAL B 66 4.38 24.76 -14.84
N GLY B 67 5.31 23.88 -14.54
CA GLY B 67 6.17 24.11 -13.38
C GLY B 67 7.16 23.00 -13.13
N LEU B 68 7.82 23.08 -11.98
CA LEU B 68 8.81 22.10 -11.56
C LEU B 68 8.54 21.70 -10.12
N LYS B 69 8.94 20.49 -9.75
CA LYS B 69 8.79 20.02 -8.37
C LYS B 69 10.11 19.49 -7.83
N MET B 70 10.25 19.49 -6.52
CA MET B 70 11.49 19.00 -5.90
CA MET B 70 11.47 19.04 -5.85
C MET B 70 11.21 17.78 -5.04
N GLY B 71 12.11 16.81 -5.12
CA GLY B 71 11.98 15.60 -4.33
C GLY B 71 13.22 15.41 -3.48
N LEU B 72 13.11 14.59 -2.45
CA LEU B 72 14.23 14.29 -1.55
C LEU B 72 14.76 15.55 -0.90
N THR B 73 13.85 16.37 -0.42
CA THR B 73 14.23 17.67 0.16
C THR B 73 14.40 17.56 1.68
N SER B 74 14.94 16.43 2.13
CA SER B 74 15.24 16.21 3.55
C SER B 74 16.66 15.71 3.64
N TRP B 75 17.48 16.32 4.50
CA TRP B 75 18.87 15.85 4.61
C TRP B 75 18.90 14.41 5.10
N ALA B 76 17.98 14.06 5.99
CA ALA B 76 17.93 12.69 6.52
C ALA B 76 17.65 11.69 5.41
N LYS B 77 16.75 12.05 4.49
CA LYS B 77 16.41 11.17 3.37
C LYS B 77 17.56 11.05 2.37
N MET B 78 18.19 12.18 2.03
CA MET B 78 19.36 12.13 1.14
C MET B 78 20.45 11.20 1.69
N ALA B 79 20.72 11.30 2.99
CA ALA B 79 21.78 10.49 3.60
C ALA B 79 21.39 9.02 3.57
N GLN B 80 20.10 8.75 3.74
CA GLN B 80 19.57 7.39 3.68
C GLN B 80 19.73 6.82 2.28
N MET B 81 19.32 7.59 1.28
CA MET B 81 19.40 7.15 -0.12
C MET B 81 20.83 7.27 -0.66
N GLY B 82 21.70 7.90 0.11
CA GLY B 82 23.10 8.02 -0.27
C GLY B 82 23.34 9.00 -1.41
N VAL B 83 22.54 10.05 -1.46
CA VAL B 83 22.74 11.10 -2.46
C VAL B 83 23.11 12.41 -1.77
N GLU B 84 23.67 13.34 -2.52
CA GLU B 84 24.20 14.57 -1.95
C GLU B 84 23.33 15.79 -2.26
N THR B 85 22.32 15.61 -3.11
CA THR B 85 21.41 16.69 -3.48
C THR B 85 19.98 16.17 -3.62
N PRO B 86 18.99 17.09 -3.63
CA PRO B 86 17.64 16.67 -4.00
C PRO B 86 17.54 16.29 -5.47
N ILE B 87 16.33 15.96 -5.91
CA ILE B 87 16.06 15.68 -7.32
C ILE B 87 14.90 16.58 -7.75
N TYR B 88 14.72 16.74 -9.06
CA TYR B 88 13.57 17.50 -9.56
C TYR B 88 12.82 16.73 -10.64
N GLY B 89 11.60 17.19 -10.92
CA GLY B 89 10.78 16.69 -12.00
C GLY B 89 9.98 17.85 -12.55
N PHE B 90 9.25 17.63 -13.63
CA PHE B 90 8.44 18.69 -14.23
C PHE B 90 6.94 18.43 -13.97
N LEU B 91 6.14 19.47 -14.14
CA LEU B 91 4.69 19.37 -13.98
C LEU B 91 4.02 19.70 -15.31
N ALA B 92 3.16 18.81 -15.80
CA ALA B 92 2.43 19.07 -17.03
C ALA B 92 1.10 19.73 -16.71
N ASP B 93 0.54 20.45 -17.68
CA ASP B 93 -0.73 21.15 -17.48
C ASP B 93 -1.85 20.26 -16.90
N TYR B 94 -2.03 19.08 -17.46
CA TYR B 94 -3.10 18.19 -16.98
C TYR B 94 -2.88 17.62 -15.58
N PHE B 95 -1.72 17.89 -14.97
CA PHE B 95 -1.49 17.47 -13.58
C PHE B 95 -2.32 18.33 -12.62
N SER B 96 -2.71 19.52 -13.07
CA SER B 96 -3.30 20.50 -12.16
C SER B 96 -4.73 20.15 -11.77
N VAL B 97 -4.99 20.21 -10.46
CA VAL B 97 -6.30 19.91 -9.86
C VAL B 97 -6.71 21.15 -9.07
N PRO B 98 -7.97 21.58 -9.19
CA PRO B 98 -8.37 22.80 -8.48
C PRO B 98 -8.64 22.51 -7.00
N ASP B 99 -8.51 23.53 -6.14
CA ASP B 99 -8.83 23.41 -4.72
C ASP B 99 -10.26 22.89 -4.55
N GLY B 100 -10.41 21.77 -3.84
CA GLY B 100 -11.72 21.18 -3.62
C GLY B 100 -12.11 20.24 -4.74
N GLY B 101 -11.21 20.05 -5.69
CA GLY B 101 -11.53 19.26 -6.88
C GLY B 101 -11.64 17.78 -6.64
N VAL B 102 -12.17 17.06 -7.63
CA VAL B 102 -12.34 15.62 -7.54
C VAL B 102 -11.25 14.93 -8.34
N VAL B 103 -10.56 13.97 -7.72
CA VAL B 103 -9.44 13.28 -8.35
C VAL B 103 -9.81 11.82 -8.60
N ASP B 104 -9.78 11.43 -9.88
CA ASP B 104 -10.21 10.08 -10.28
C ASP B 104 -9.06 9.09 -10.14
N CYS B 105 -9.14 8.22 -9.15
CA CYS B 105 -8.07 7.26 -8.87
C CYS B 105 -7.94 6.15 -9.90
N SER B 106 -8.93 6.02 -10.78
CA SER B 106 -8.84 5.03 -11.85
C SER B 106 -7.70 5.37 -12.82
N LYS B 107 -7.21 6.61 -12.75
CA LYS B 107 -6.10 7.05 -13.60
C LYS B 107 -4.77 7.00 -12.85
N LEU B 108 -4.81 6.52 -11.62
CA LEU B 108 -3.64 6.51 -10.74
C LEU B 108 -3.35 5.08 -10.27
N ILE B 109 -2.13 4.85 -9.80
CA ILE B 109 -1.70 3.48 -9.46
C ILE B 109 -1.77 3.19 -7.96
N HIS B 110 -1.05 3.98 -7.17
CA HIS B 110 -1.03 3.83 -5.72
C HIS B 110 -0.64 5.16 -5.09
N PRO B 111 -1.50 6.17 -5.25
CA PRO B 111 -1.13 7.56 -4.98
C PRO B 111 -0.98 7.90 -3.49
N LYS B 112 -0.14 8.89 -3.22
CA LYS B 112 -0.04 9.47 -1.89
C LYS B 112 -0.08 10.97 -2.04
N ILE B 113 -0.45 11.68 -0.98
CA ILE B 113 -0.39 13.14 -1.02
C ILE B 113 0.68 13.71 -0.10
N GLU B 114 1.17 14.89 -0.45
CA GLU B 114 2.17 15.60 0.32
C GLU B 114 1.75 17.05 0.44
N ALA B 115 1.94 17.63 1.62
CA ALA B 115 1.69 19.05 1.81
C ALA B 115 2.95 19.82 1.47
N GLU B 116 2.86 20.77 0.53
CA GLU B 116 4.02 21.55 0.10
C GLU B 116 3.67 23.03 0.04
N ILE B 117 4.70 23.86 -0.01
CA ILE B 117 4.50 25.27 -0.30
C ILE B 117 5.21 25.56 -1.61
N SER B 118 4.49 26.17 -2.55
CA SER B 118 5.09 26.50 -3.84
C SER B 118 5.43 27.97 -3.89
N VAL B 119 6.29 28.32 -4.84
CA VAL B 119 6.57 29.72 -5.13
C VAL B 119 6.44 30.00 -6.62
N VAL B 120 6.17 31.26 -6.94
CA VAL B 120 6.28 31.76 -8.31
C VAL B 120 7.32 32.86 -8.25
N THR B 121 8.26 32.84 -9.20
CA THR B 121 9.35 33.81 -9.16
C THR B 121 9.00 35.03 -9.98
N LYS B 122 9.68 36.14 -9.72
CA LYS B 122 9.46 37.35 -10.51
C LYS B 122 10.77 37.85 -11.09
N ALA B 123 11.83 37.08 -10.89
CA ALA B 123 13.14 37.40 -11.46
C ALA B 123 13.88 36.10 -11.73
N PRO B 124 14.78 36.11 -12.73
CA PRO B 124 15.44 34.84 -13.06
C PRO B 124 16.45 34.44 -11.99
N LEU B 125 16.65 33.13 -11.86
CA LEU B 125 17.62 32.58 -10.92
C LEU B 125 18.47 31.56 -11.66
N HIS B 126 19.76 31.50 -11.33
CA HIS B 126 20.64 30.52 -11.95
C HIS B 126 21.71 30.03 -11.00
N GLY B 127 22.24 28.85 -11.30
CA GLY B 127 23.41 28.34 -10.60
C GLY B 127 24.57 28.39 -11.58
N PRO B 128 25.75 27.88 -11.16
CA PRO B 128 26.00 27.26 -9.85
C PRO B 128 26.16 28.32 -8.77
N GLY B 129 26.20 27.86 -7.53
CA GLY B 129 26.50 28.76 -6.42
C GLY B 129 25.31 29.56 -5.95
N CYS B 130 24.11 29.13 -6.31
CA CYS B 130 22.90 29.79 -5.83
C CYS B 130 22.58 29.29 -4.41
N HIS B 131 22.23 30.23 -3.54
CA HIS B 131 21.84 29.87 -2.17
C HIS B 131 20.66 30.73 -1.73
N LEU B 132 20.24 30.58 -0.48
CA LEU B 132 19.06 31.27 0.03
C LEU B 132 19.02 32.76 -0.29
N GLY B 133 20.12 33.45 -0.02
CA GLY B 133 20.18 34.89 -0.20
C GLY B 133 19.84 35.34 -1.60
N ASP B 134 20.22 34.52 -2.57
CA ASP B 134 19.98 34.86 -3.98
C ASP B 134 18.50 34.69 -4.36
N VAL B 135 17.80 33.82 -3.64
CA VAL B 135 16.43 33.42 -3.99
C VAL B 135 15.41 34.42 -3.47
N ILE B 136 15.68 34.99 -2.30
CA ILE B 136 14.69 35.80 -1.60
C ILE B 136 14.14 36.95 -2.44
N ALA B 137 15.01 37.73 -3.07
CA ALA B 137 14.56 38.89 -3.85
C ALA B 137 13.79 38.48 -5.10
N ALA B 138 13.90 37.22 -5.49
CA ALA B 138 13.29 36.76 -6.74
C ALA B 138 11.91 36.15 -6.56
N ILE B 139 11.45 36.04 -5.32
CA ILE B 139 10.15 35.43 -5.06
C ILE B 139 9.00 36.42 -5.21
N ASP B 140 8.02 36.09 -6.04
CA ASP B 140 6.83 36.93 -6.21
C ASP B 140 5.82 36.62 -5.10
N TYR B 141 5.38 35.37 -5.04
CA TYR B 141 4.45 34.98 -3.99
C TYR B 141 4.52 33.48 -3.75
N VAL B 142 3.85 33.03 -2.69
CA VAL B 142 3.85 31.63 -2.30
C VAL B 142 2.44 31.08 -2.47
N ILE B 143 2.34 29.77 -2.69
CA ILE B 143 1.07 29.14 -2.99
C ILE B 143 0.98 27.81 -2.28
N PRO B 144 0.02 27.67 -1.35
CA PRO B 144 -0.20 26.35 -0.74
C PRO B 144 -0.49 25.31 -1.82
N THR B 145 0.22 24.19 -1.80
CA THR B 145 0.05 23.17 -2.84
C THR B 145 0.17 21.78 -2.26
N VAL B 146 -0.77 20.91 -2.62
CA VAL B 146 -0.71 19.51 -2.22
C VAL B 146 -0.30 18.69 -3.44
N GLU B 147 0.78 17.93 -3.34
CA GLU B 147 1.18 17.08 -4.47
C GLU B 147 0.52 15.74 -4.35
N VAL B 148 0.11 15.16 -5.47
CA VAL B 148 -0.20 13.73 -5.51
C VAL B 148 0.96 13.07 -6.21
N ILE B 149 1.69 12.22 -5.50
CA ILE B 149 2.79 11.50 -6.12
C ILE B 149 2.33 10.07 -6.38
N ASP B 150 2.91 9.44 -7.40
CA ASP B 150 2.45 8.13 -7.81
C ASP B 150 3.55 7.49 -8.62
N SER B 151 4.49 6.84 -7.94
CA SER B 151 5.58 6.18 -8.64
C SER B 151 5.06 5.12 -9.60
N ARG B 152 5.59 5.11 -10.81
CA ARG B 152 5.18 4.07 -11.75
C ARG B 152 5.87 2.73 -11.46
N TYR B 153 6.67 2.66 -10.41
CA TYR B 153 7.33 1.39 -10.06
C TYR B 153 6.51 0.53 -9.11
N GLU B 154 6.60 -0.78 -9.30
CA GLU B 154 5.68 -1.72 -8.67
C GLU B 154 6.14 -2.28 -7.34
N ASN B 155 7.43 -2.18 -7.03
CA ASN B 155 7.89 -2.82 -5.79
C ASN B 155 8.26 -1.86 -4.67
N PHE B 156 8.98 -2.39 -3.70
CA PHE B 156 9.23 -1.68 -2.45
C PHE B 156 10.40 -0.70 -2.47
N LYS B 157 11.56 -1.15 -2.92
CA LYS B 157 12.78 -0.33 -2.78
C LYS B 157 12.76 0.97 -3.56
N PHE B 158 13.12 2.06 -2.89
CA PHE B 158 13.24 3.37 -3.52
C PHE B 158 14.61 3.49 -4.15
N ASP B 159 14.63 3.82 -5.44
CA ASP B 159 15.88 3.97 -6.17
C ASP B 159 15.88 5.35 -6.83
N PRO B 160 16.71 6.28 -6.33
CA PRO B 160 16.70 7.68 -6.78
C PRO B 160 16.88 7.82 -8.29
N ILE B 161 17.78 7.05 -8.88
CA ILE B 161 18.01 7.14 -10.33
C ILE B 161 16.75 6.76 -11.10
N SER B 162 16.17 5.60 -10.77
CA SER B 162 14.93 5.20 -11.43
C SER B 162 13.83 6.23 -11.22
N VAL B 163 13.75 6.79 -10.01
CA VAL B 163 12.72 7.76 -9.68
C VAL B 163 12.86 9.04 -10.51
N VAL B 164 14.10 9.47 -10.74
CA VAL B 164 14.33 10.62 -11.62
C VAL B 164 13.83 10.34 -13.03
N ALA B 165 14.13 9.15 -13.54
CA ALA B 165 13.71 8.78 -14.90
C ALA B 165 12.17 8.77 -15.02
N ASP B 166 11.52 8.46 -13.91
CA ASP B 166 10.05 8.46 -13.82
C ASP B 166 9.53 9.83 -13.38
N ASN B 167 10.26 10.89 -13.74
CA ASN B 167 9.82 12.27 -13.46
C ASN B 167 9.50 12.51 -12.00
N ALA B 168 10.32 11.94 -11.11
CA ALA B 168 10.18 12.11 -9.67
C ALA B 168 8.77 11.79 -9.16
N SER B 169 8.14 10.79 -9.77
CA SER B 169 6.81 10.29 -9.38
C SER B 169 5.68 11.31 -9.54
N SER B 170 5.90 12.35 -10.34
CA SER B 170 4.88 13.39 -10.48
C SER B 170 3.64 12.87 -11.17
N THR B 171 2.47 13.33 -10.72
CA THR B 171 1.22 12.97 -11.41
C THR B 171 0.08 13.99 -11.27
N ARG B 172 -0.11 14.58 -10.09
CA ARG B 172 -1.09 15.65 -9.93
C ARG B 172 -0.55 16.67 -8.94
N PHE B 173 -1.04 17.90 -9.02
CA PHE B 173 -0.79 18.87 -7.95
C PHE B 173 -2.07 19.69 -7.74
N ILE B 174 -2.31 20.08 -6.50
CA ILE B 174 -3.54 20.79 -6.14
C ILE B 174 -3.15 22.11 -5.48
N THR B 175 -3.43 23.23 -6.14
CA THR B 175 -3.17 24.53 -5.53
C THR B 175 -4.44 25.02 -4.83
N GLY B 176 -4.27 25.85 -3.81
CA GLY B 176 -5.42 26.38 -3.10
C GLY B 176 -4.97 27.34 -2.02
N GLY B 177 -5.88 27.70 -1.13
CA GLY B 177 -5.57 28.66 -0.08
C GLY B 177 -5.23 30.02 -0.63
N ARG B 178 -4.63 30.86 0.20
CA ARG B 178 -4.34 32.23 -0.17
C ARG B 178 -2.93 32.35 -0.70
N MET B 179 -2.74 33.16 -1.74
CA MET B 179 -1.41 33.44 -2.24
C MET B 179 -0.89 34.66 -1.50
N ALA B 180 0.32 34.56 -0.96
CA ALA B 180 0.85 35.64 -0.13
C ALA B 180 2.25 36.03 -0.58
N SER B 181 2.58 37.30 -0.41
CA SER B 181 3.93 37.79 -0.63
C SER B 181 4.83 37.25 0.47
N LEU B 182 6.12 37.17 0.18
CA LEU B 182 7.08 36.62 1.14
C LEU B 182 7.13 37.42 2.45
N GLU B 183 6.84 38.72 2.38
CA GLU B 183 6.88 39.59 3.56
C GLU B 183 5.83 39.21 4.60
N GLU B 184 4.81 38.47 4.18
CA GLU B 184 3.70 38.12 5.08
C GLU B 184 3.90 36.77 5.74
N VAL B 185 4.85 35.99 5.22
CA VAL B 185 4.99 34.61 5.67
C VAL B 185 6.41 34.26 6.11
N ASP B 186 6.48 33.46 7.16
CA ASP B 186 7.75 32.95 7.66
C ASP B 186 7.74 31.49 7.24
N LEU B 187 8.41 31.17 6.14
CA LEU B 187 8.33 29.82 5.59
C LEU B 187 9.00 28.77 6.47
N ARG B 188 9.92 29.18 7.34
CA ARG B 188 10.52 28.21 8.25
C ARG B 188 9.52 27.75 9.29
N THR B 189 8.69 28.67 9.77
CA THR B 189 7.77 28.36 10.85
C THR B 189 6.34 28.12 10.38
N LEU B 190 6.11 28.25 9.06
CA LEU B 190 4.79 28.00 8.49
C LEU B 190 4.30 26.59 8.85
N GLY B 191 3.20 26.52 9.60
CA GLY B 191 2.69 25.24 10.06
C GLY B 191 1.64 24.70 9.12
N VAL B 192 1.65 23.38 8.91
CA VAL B 192 0.62 22.72 8.11
C VAL B 192 0.02 21.57 8.90
N VAL B 193 -1.26 21.30 8.64
CA VAL B 193 -1.96 20.20 9.28
C VAL B 193 -2.69 19.41 8.19
N MET B 194 -2.35 18.13 8.04
CA MET B 194 -3.03 17.32 7.04
CA MET B 194 -3.00 17.30 7.03
C MET B 194 -4.12 16.50 7.69
N GLU B 195 -5.32 16.62 7.14
CA GLU B 195 -6.49 15.95 7.68
C GLU B 195 -6.98 14.97 6.63
N LYS B 196 -7.28 13.74 7.03
CA LYS B 196 -7.85 12.78 6.09
C LYS B 196 -9.10 12.19 6.70
N ASN B 197 -10.23 12.33 6.01
CA ASN B 197 -11.52 11.88 6.52
C ASN B 197 -11.82 12.37 7.93
N GLY B 198 -11.55 13.65 8.18
CA GLY B 198 -11.85 14.26 9.47
C GLY B 198 -10.80 14.06 10.55
N GLU B 199 -9.77 13.26 10.25
CA GLU B 199 -8.76 12.91 11.24
C GLU B 199 -7.42 13.56 10.92
N VAL B 200 -6.81 14.21 11.90
CA VAL B 200 -5.48 14.77 11.71
C VAL B 200 -4.47 13.63 11.56
N VAL B 201 -3.80 13.54 10.43
CA VAL B 201 -2.86 12.44 10.18
C VAL B 201 -1.38 12.84 10.12
N GLU B 202 -1.08 14.08 9.72
CA GLU B 202 0.28 14.58 9.77
C GLU B 202 0.32 16.07 10.13
N LEU B 203 1.38 16.47 10.84
CA LEU B 203 1.65 17.88 11.15
C LEU B 203 3.08 18.19 10.78
N GLY B 204 3.36 19.41 10.35
CA GLY B 204 4.74 19.80 10.05
C GLY B 204 4.93 21.29 9.88
N ALA B 205 6.18 21.72 9.83
CA ALA B 205 6.51 23.13 9.60
C ALA B 205 7.39 23.21 8.36
N GLY B 206 7.34 24.35 7.67
CA GLY B 206 8.07 24.50 6.43
C GLY B 206 9.56 24.18 6.52
N ALA B 207 10.15 24.42 7.69
CA ALA B 207 11.57 24.10 7.90
C ALA B 207 11.91 22.63 7.63
N ALA B 208 10.90 21.76 7.53
CA ALA B 208 11.17 20.35 7.28
C ALA B 208 11.78 20.15 5.88
N VAL B 209 11.58 21.14 5.02
CA VAL B 209 12.19 21.16 3.70
C VAL B 209 13.60 21.78 3.81
N LEU B 210 14.60 20.94 4.07
CA LEU B 210 16.02 21.34 4.12
C LEU B 210 16.42 22.24 5.29
N GLY B 211 15.44 22.70 6.06
CA GLY B 211 15.69 23.73 7.05
C GLY B 211 15.11 25.07 6.60
N HIS B 212 14.87 25.20 5.30
CA HIS B 212 14.27 26.41 4.73
C HIS B 212 13.79 26.11 3.31
N PRO B 213 12.48 26.20 3.07
CA PRO B 213 11.93 25.84 1.76
C PRO B 213 12.52 26.60 0.59
N LEU B 214 12.96 27.85 0.78
CA LEU B 214 13.55 28.58 -0.33
C LEU B 214 14.91 28.01 -0.74
N SER B 215 15.55 27.26 0.16
CA SER B 215 16.80 26.58 -0.19
C SER B 215 16.57 25.58 -1.31
N SER B 216 15.36 25.02 -1.35
CA SER B 216 15.00 24.08 -2.40
CA SER B 216 14.99 24.08 -2.41
C SER B 216 15.07 24.75 -3.77
N VAL B 217 14.66 26.01 -3.83
CA VAL B 217 14.67 26.77 -5.08
C VAL B 217 16.12 27.01 -5.52
N ALA B 218 16.98 27.36 -4.59
CA ALA B 218 18.40 27.51 -4.90
C ALA B 218 19.03 26.21 -5.40
N MET B 219 18.72 25.10 -4.74
CA MET B 219 19.28 23.81 -5.16
C MET B 219 18.77 23.43 -6.54
N LEU B 220 17.52 23.77 -6.83
CA LEU B 220 16.95 23.53 -8.16
C LEU B 220 17.72 24.33 -9.20
N ALA B 221 18.04 25.57 -8.89
CA ALA B 221 18.79 26.37 -9.87
C ALA B 221 20.17 25.73 -10.12
N ASN B 222 20.81 25.26 -9.06
CA ASN B 222 22.11 24.61 -9.22
C ASN B 222 22.03 23.30 -10.02
N LEU B 223 20.99 22.51 -9.78
CA LEU B 223 20.79 21.27 -10.53
C LEU B 223 20.53 21.54 -12.01
N LEU B 224 19.69 22.54 -12.29
CA LEU B 224 19.39 22.90 -13.69
C LEU B 224 20.63 23.40 -14.41
N ALA B 225 21.51 24.09 -13.68
CA ALA B 225 22.72 24.63 -14.30
C ALA B 225 23.62 23.50 -14.82
N GLU B 226 23.53 22.32 -14.22
CA GLU B 226 24.32 21.19 -14.68
C GLU B 226 23.99 20.81 -16.12
N ARG B 227 22.77 21.13 -16.57
CA ARG B 227 22.38 20.85 -17.95
C ARG B 227 22.24 22.15 -18.74
N GLY B 228 22.82 23.22 -18.23
CA GLY B 228 22.82 24.50 -18.92
C GLY B 228 21.44 25.15 -19.00
N GLU B 229 20.61 24.86 -17.99
CA GLU B 229 19.30 25.50 -17.85
C GLU B 229 19.28 26.40 -16.62
N HIS B 230 18.22 27.18 -16.47
CA HIS B 230 18.03 28.02 -15.29
C HIS B 230 16.55 28.14 -14.94
N ILE B 231 16.22 29.01 -13.98
CA ILE B 231 14.83 29.24 -13.63
C ILE B 231 14.39 30.60 -14.13
N PRO B 232 13.64 30.64 -15.24
CA PRO B 232 13.17 31.95 -15.74
C PRO B 232 12.21 32.62 -14.77
N ALA B 233 12.12 33.95 -14.82
CA ALA B 233 11.11 34.66 -14.04
C ALA B 233 9.73 34.10 -14.39
N GLY B 234 8.86 33.96 -13.39
CA GLY B 234 7.50 33.50 -13.63
C GLY B 234 7.32 32.00 -13.47
N THR B 235 8.37 31.32 -12.98
CA THR B 235 8.31 29.86 -12.86
C THR B 235 7.63 29.43 -11.56
N PHE B 236 6.75 28.44 -11.65
CA PHE B 236 6.07 27.84 -10.50
C PHE B 236 6.89 26.66 -10.01
N ILE B 237 7.24 26.65 -8.72
CA ILE B 237 8.08 25.60 -8.16
C ILE B 237 7.47 25.04 -6.88
N MET B 238 7.25 23.73 -6.84
CA MET B 238 6.81 23.04 -5.63
C MET B 238 8.06 22.64 -4.84
N THR B 239 8.22 23.17 -3.64
CA THR B 239 9.52 23.11 -2.98
C THR B 239 9.80 21.84 -2.19
N GLY B 240 8.80 20.99 -1.96
CA GLY B 240 9.06 19.73 -1.28
C GLY B 240 8.05 19.35 -0.20
N GLY B 241 7.94 18.05 0.06
CA GLY B 241 7.02 17.57 1.08
C GLY B 241 7.38 18.05 2.48
N ILE B 242 6.42 18.66 3.16
CA ILE B 242 6.61 19.17 4.52
C ILE B 242 6.41 18.07 5.56
N THR B 243 5.55 17.10 5.26
CA THR B 243 5.39 15.94 6.13
C THR B 243 5.60 14.66 5.34
N ALA B 244 5.56 13.53 6.04
CA ALA B 244 5.54 12.23 5.41
C ALA B 244 4.36 12.18 4.47
N ALA B 245 4.53 11.47 3.35
CA ALA B 245 3.46 11.36 2.36
C ALA B 245 2.35 10.47 2.90
N VAL B 246 1.12 10.73 2.46
CA VAL B 246 -0.03 10.04 3.03
C VAL B 246 -0.82 9.36 1.94
N PRO B 247 -0.96 8.02 2.03
CA PRO B 247 -1.70 7.28 1.00
C PRO B 247 -3.15 7.71 0.91
N VAL B 248 -3.71 7.73 -0.30
CA VAL B 248 -5.13 7.99 -0.49
C VAL B 248 -5.75 6.97 -1.43
N ALA B 249 -7.07 6.88 -1.42
CA ALA B 249 -7.79 5.87 -2.17
C ALA B 249 -9.20 6.39 -2.44
N PRO B 250 -9.91 5.76 -3.38
CA PRO B 250 -11.29 6.16 -3.65
C PRO B 250 -12.13 6.25 -2.38
N GLY B 251 -12.89 7.34 -2.25
CA GLY B 251 -13.70 7.54 -1.07
C GLY B 251 -13.10 8.55 -0.09
N ASP B 252 -11.79 8.75 -0.16
CA ASP B 252 -11.10 9.64 0.77
C ASP B 252 -11.36 11.12 0.46
N ASN B 253 -11.51 11.90 1.53
CA ASN B 253 -11.48 13.36 1.43
C ASN B 253 -10.29 13.86 2.20
N ILE B 254 -9.54 14.81 1.63
CA ILE B 254 -8.42 15.37 2.37
C ILE B 254 -8.55 16.88 2.46
N THR B 255 -7.98 17.45 3.52
CA THR B 255 -7.85 18.90 3.63
C THR B 255 -6.53 19.17 4.30
N VAL B 256 -5.73 20.06 3.73
CA VAL B 256 -4.49 20.48 4.37
C VAL B 256 -4.60 21.95 4.72
N ARG B 257 -4.45 22.25 6.01
CA ARG B 257 -4.56 23.65 6.45
C ARG B 257 -3.17 24.26 6.60
N TYR B 258 -3.04 25.48 6.09
CA TYR B 258 -1.78 26.21 6.09
C TYR B 258 -1.94 27.43 6.97
N GLN B 259 -1.06 27.57 7.96
CA GLN B 259 -1.14 28.64 8.92
C GLN B 259 -1.20 30.02 8.25
N GLY B 260 -2.34 30.68 8.37
CA GLY B 260 -2.53 32.01 7.80
C GLY B 260 -2.74 32.07 6.29
N LEU B 261 -2.85 30.91 5.64
CA LEU B 261 -2.99 30.89 4.17
C LEU B 261 -4.15 30.01 3.72
N GLY B 262 -5.13 29.76 4.58
CA GLY B 262 -6.27 28.94 4.19
C GLY B 262 -5.97 27.45 4.10
N SER B 263 -6.71 26.74 3.26
CA SER B 263 -6.56 25.29 3.15
C SER B 263 -6.67 24.79 1.71
N VAL B 264 -6.18 23.58 1.48
CA VAL B 264 -6.28 22.94 0.18
C VAL B 264 -7.01 21.62 0.38
N SER B 265 -8.06 21.36 -0.40
CA SER B 265 -8.84 20.13 -0.21
C SER B 265 -8.97 19.37 -1.52
N ALA B 266 -9.31 18.09 -1.42
CA ALA B 266 -9.60 17.30 -2.61
C ALA B 266 -10.40 16.09 -2.20
N ARG B 267 -11.20 15.57 -3.13
CA ARG B 267 -11.94 14.34 -2.88
C ARG B 267 -11.47 13.31 -3.89
N PHE B 268 -11.30 12.07 -3.45
CA PHE B 268 -10.86 11.01 -4.37
C PHE B 268 -12.00 10.06 -4.71
N ILE B 269 -12.09 9.68 -5.99
CA ILE B 269 -13.08 8.71 -6.45
C ILE B 269 -12.42 7.55 -7.21
MG MG C . -8.93 -19.40 3.88
MG MG D . -7.92 3.50 3.39
O1 0L1 E . -5.89 -20.40 2.27
C2 0L1 E . -5.93 -19.19 2.62
O2 0L1 E . -6.92 -18.77 3.28
C3 0L1 E . -4.79 -18.25 2.26
C4 0L1 E . -4.52 -18.31 0.77
C5 0L1 E . -3.47 -17.29 0.42
C6 0L1 E . -3.04 -17.42 -1.03
C7 0L1 E . -4.09 -16.86 -1.96
O4 0L1 E . -4.41 -15.64 -1.91
O3 0L1 E . -4.65 -17.61 -2.82
C1 EDO F . 6.80 -19.39 12.37
O1 EDO F . 6.94 -20.39 11.34
C2 EDO F . 5.32 -19.18 12.62
O2 EDO F . 5.09 -18.78 13.98
C1 EDO G . -4.48 -14.77 18.91
O1 EDO G . -3.09 -14.53 18.62
C2 EDO G . -5.12 -13.50 19.46
O2 EDO G . -6.38 -13.28 18.79
MG MG H . 6.58 16.41 -3.69
C1 EDO I . -8.35 13.26 -11.99
O1 EDO I . -7.27 14.20 -11.84
C2 EDO I . -7.78 11.93 -12.48
O2 EDO I . -6.57 11.61 -11.78
C1 EDO J . 0.12 4.55 -25.55
O1 EDO J . 0.13 3.18 -25.14
C2 EDO J . -0.15 5.47 -24.36
O2 EDO J . -1.55 5.65 -24.13
C1 EDO K . 4.66 7.75 -4.29
O1 EDO K . 5.79 7.09 -3.71
C2 EDO K . 3.44 6.84 -4.26
O2 EDO K . 3.68 5.73 -5.15
C ACT L . 8.63 13.89 -4.22
O ACT L . 7.85 14.81 -4.54
OXT ACT L . 9.26 14.06 -3.14
CH3 ACT L . 8.82 12.67 -5.05
C ACT M . 25.19 16.46 -17.68
O ACT M . 23.98 16.15 -17.80
OXT ACT M . 25.95 16.09 -18.61
CH3 ACT M . 25.69 17.24 -16.51
#